data_5Y7F
#
_entry.id   5Y7F
#
_cell.length_a   45.410
_cell.length_b   46.850
_cell.length_c   131.990
_cell.angle_alpha   90.00
_cell.angle_beta   90.00
_cell.angle_gamma   90.00
#
_symmetry.space_group_name_H-M   'P 21 21 21'
#
loop_
_entity.id
_entity.type
_entity.pdbx_description
1 polymer UGGT
2 non-polymer "URIDINE-5'-DIPHOSPHATE"
3 non-polymer 2-AMINO-2-HYDROXYMETHYL-PROPANE-1,3-DIOL
4 non-polymer 'CALCIUM ION'
5 water water
#
_entity_poly.entity_id   1
_entity_poly.type   'polypeptide(L)'
_entity_poly.pdbx_seq_one_letter_code
;GSADINIFSVASGHLYER(MSE)LNI(MSE)(MSE)VSV(MSE)KHTKHSVKFWFIEQFLSPSFKKFLPHLAKEYGFSYE
(MSE)VTYKWPHWLRGQREKQREIWGYKILFLDVLFPLSLDKVIFVDADQIVRTD(MSE)YDLVQLDLEGAPYGFTP
(MSE)CDSRKE(MSE)EGFRFWKQGYWKSHLRGRPYHISALYVVDLNRFRALAAGDRLRGQYHTLSADPNSLANLDQDLP
NN(MSE)QA(MSE)IPIKSLPQEWLWCETWCADEDLKTARTIDLCNNPLTKEPKLDRARRQVPEWTEYDNEIAELAVRVR
AASKQSRREEDEKKDV
;
_entity_poly.pdbx_strand_id   A
#
# COMPACT_ATOMS: atom_id res chain seq x y z
N ALA A 3 -2.22 10.55 -16.17
CA ALA A 3 -2.35 11.35 -14.91
C ALA A 3 -1.01 11.50 -14.27
N ASP A 4 -0.84 12.60 -13.53
CA ASP A 4 0.41 12.91 -12.84
C ASP A 4 0.70 11.87 -11.73
N ILE A 5 -0.34 11.50 -10.99
CA ILE A 5 -0.27 10.58 -9.86
C ILE A 5 -1.11 9.35 -10.24
N ASN A 6 -0.48 8.18 -10.10
CA ASN A 6 -1.12 6.90 -10.37
C ASN A 6 -1.00 6.03 -9.15
N ILE A 7 -2.16 5.68 -8.57
CA ILE A 7 -2.22 4.89 -7.33
C ILE A 7 -3.03 3.63 -7.60
N PHE A 8 -2.50 2.52 -7.09
CA PHE A 8 -3.14 1.22 -7.11
C PHE A 8 -3.49 0.81 -5.69
N SER A 9 -4.67 0.24 -5.48
CA SER A 9 -5.03 -0.31 -4.18
C SER A 9 -5.97 -1.48 -4.39
N VAL A 10 -6.31 -2.16 -3.31
CA VAL A 10 -7.25 -3.29 -3.33
C VAL A 10 -8.18 -3.12 -2.16
N ALA A 11 -9.47 -3.43 -2.34
CA ALA A 11 -10.40 -3.56 -1.25
C ALA A 11 -11.24 -4.80 -1.48
N SER A 12 -11.03 -5.75 -0.61
CA SER A 12 -11.82 -6.95 -0.56
C SER A 12 -12.38 -7.00 0.86
N GLY A 13 -13.69 -6.80 0.99
CA GLY A 13 -14.38 -6.74 2.29
C GLY A 13 -15.03 -5.38 2.43
N HIS A 14 -16.16 -5.37 3.12
CA HIS A 14 -16.99 -4.16 3.26
C HIS A 14 -16.24 -2.99 3.89
N LEU A 15 -15.60 -3.25 5.01
CA LEU A 15 -14.87 -2.20 5.73
C LEU A 15 -13.72 -1.69 4.87
N TYR A 16 -12.96 -2.58 4.24
CA TYR A 16 -11.89 -2.11 3.32
C TYR A 16 -12.41 -1.26 2.19
N GLU A 17 -13.59 -1.55 1.67
CA GLU A 17 -14.18 -0.70 0.63
C GLU A 17 -14.51 0.67 1.19
N ARG A 18 -15.07 0.72 2.40
CA ARG A 18 -15.42 1.99 3.02
C ARG A 18 -14.14 2.83 3.22
N LEU A 20 -11.25 2.46 1.60
CA LEU A 20 -10.66 2.81 0.31
C LEU A 20 -11.29 4.09 -0.23
N ASN A 21 -12.59 4.25 -0.14
CA ASN A 21 -13.19 5.49 -0.61
C ASN A 21 -12.61 6.67 0.16
N ILE A 22 -12.44 6.53 1.47
CA ILE A 22 -11.86 7.58 2.29
C ILE A 22 -10.41 7.84 1.92
N VAL A 25 -10.40 9.96 -1.23
CA VAL A 25 -10.77 11.32 -0.89
C VAL A 25 -9.58 12.01 -0.24
N SER A 26 -8.90 11.37 0.68
CA SER A 26 -7.78 11.99 1.36
C SER A 26 -6.66 12.40 0.37
N VAL A 27 -6.44 11.60 -0.67
CA VAL A 27 -5.49 11.99 -1.71
C VAL A 27 -5.91 13.29 -2.37
N LYS A 29 -7.84 15.63 -1.36
CA LYS A 29 -7.80 16.80 -0.45
C LYS A 29 -6.44 17.44 -0.38
N HIS A 30 -5.39 16.70 -0.78
CA HIS A 30 -4.00 17.11 -0.57
C HIS A 30 -3.20 17.26 -1.86
N THR A 31 -3.84 17.19 -3.02
CA THR A 31 -3.18 17.49 -4.28
C THR A 31 -4.14 18.16 -5.23
N LYS A 32 -3.57 18.97 -6.10
CA LYS A 32 -4.31 19.49 -7.25
C LYS A 32 -3.69 19.02 -8.57
N HIS A 33 -2.77 18.08 -8.47
CA HIS A 33 -2.31 17.34 -9.62
C HIS A 33 -3.40 16.38 -10.09
N SER A 34 -3.31 15.95 -11.33
CA SER A 34 -4.22 14.92 -11.81
C SER A 34 -3.89 13.56 -11.16
N VAL A 35 -4.95 12.78 -10.94
CA VAL A 35 -4.85 11.51 -10.22
C VAL A 35 -5.64 10.45 -10.96
N LYS A 36 -5.01 9.29 -11.14
CA LYS A 36 -5.67 8.09 -11.65
C LYS A 36 -5.52 6.97 -10.65
N PHE A 37 -6.65 6.32 -10.33
CA PHE A 37 -6.64 5.11 -9.49
C PHE A 37 -6.79 3.88 -10.36
N TRP A 38 -6.04 2.84 -9.99
CA TRP A 38 -6.03 1.57 -10.70
C TRP A 38 -6.49 0.49 -9.76
N PHE A 39 -7.48 -0.29 -10.22
CA PHE A 39 -8.09 -1.33 -9.42
C PHE A 39 -8.09 -2.66 -10.17
N ILE A 40 -8.04 -3.73 -9.44
CA ILE A 40 -8.02 -5.06 -10.03
C ILE A 40 -9.48 -5.53 -10.09
N GLU A 41 -9.96 -5.83 -11.31
CA GLU A 41 -11.37 -6.19 -11.59
C GLU A 41 -11.93 -7.22 -10.60
N GLN A 42 -11.17 -8.28 -10.35
CA GLN A 42 -11.65 -9.45 -9.55
C GLN A 42 -12.09 -9.02 -8.14
N PHE A 43 -11.39 -7.98 -7.63
CA PHE A 43 -11.62 -7.44 -6.30
C PHE A 43 -12.55 -6.24 -6.26
N LEU A 44 -13.32 -6.01 -7.33
CA LEU A 44 -14.35 -4.97 -7.34
C LEU A 44 -15.75 -5.62 -7.14
N SER A 45 -16.41 -5.26 -6.05
CA SER A 45 -17.79 -5.68 -5.74
C SER A 45 -18.86 -4.87 -6.46
N PRO A 46 -20.09 -5.39 -6.56
CA PRO A 46 -21.11 -4.62 -7.27
C PRO A 46 -21.41 -3.28 -6.64
N SER A 47 -21.47 -3.21 -5.31
CA SER A 47 -21.75 -1.94 -4.63
C SER A 47 -20.65 -0.93 -4.93
N PHE A 48 -19.41 -1.36 -4.86
CA PHE A 48 -18.29 -0.44 -5.03
C PHE A 48 -18.25 0.08 -6.45
N LYS A 49 -18.45 -0.82 -7.41
CA LYS A 49 -18.47 -0.43 -8.80
C LYS A 49 -19.58 0.55 -9.13
N LYS A 50 -20.72 0.39 -8.48
CA LYS A 50 -21.87 1.28 -8.69
C LYS A 50 -21.56 2.71 -8.22
N PHE A 51 -20.88 2.82 -7.07
CA PHE A 51 -20.64 4.12 -6.44
C PHE A 51 -19.43 4.83 -7.05
N LEU A 52 -18.48 4.06 -7.59
CA LEU A 52 -17.21 4.60 -8.03
C LEU A 52 -17.33 5.76 -9.03
N PRO A 53 -18.17 5.65 -10.05
CA PRO A 53 -18.26 6.79 -10.99
C PRO A 53 -18.76 8.05 -10.31
N HIS A 54 -19.65 7.94 -9.33
CA HIS A 54 -20.10 9.13 -8.59
C HIS A 54 -18.95 9.76 -7.82
N LEU A 55 -18.15 8.92 -7.18
CA LEU A 55 -17.00 9.41 -6.43
C LEU A 55 -16.05 10.12 -7.40
N ALA A 56 -15.83 9.54 -8.58
CA ALA A 56 -14.94 10.13 -9.59
C ALA A 56 -15.41 11.50 -10.08
N LYS A 57 -16.71 11.65 -10.32
CA LYS A 57 -17.25 12.91 -10.81
C LYS A 57 -17.24 13.98 -9.75
N GLU A 58 -17.25 13.60 -8.48
CA GLU A 58 -17.21 14.54 -7.37
C GLU A 58 -15.77 14.95 -7.09
N TYR A 59 -14.86 13.98 -7.00
CA TYR A 59 -13.51 14.18 -6.47
C TYR A 59 -12.46 14.34 -7.56
N GLY A 60 -12.88 14.24 -8.82
CA GLY A 60 -12.02 14.68 -9.91
C GLY A 60 -10.85 13.77 -10.29
N PHE A 61 -10.98 12.48 -10.03
CA PHE A 61 -9.97 11.51 -10.43
C PHE A 61 -10.47 10.69 -11.60
N SER A 62 -9.55 10.05 -12.30
CA SER A 62 -9.88 9.04 -13.27
C SER A 62 -9.51 7.66 -12.67
N TYR A 63 -9.95 6.60 -13.34
CA TYR A 63 -9.69 5.28 -12.87
C TYR A 63 -9.74 4.28 -14.03
N GLU A 64 -9.06 3.15 -13.82
CA GLU A 64 -9.04 2.07 -14.78
C GLU A 64 -8.95 0.76 -14.04
N VAL A 66 -7.83 -3.26 -14.14
CA VAL A 66 -6.91 -4.22 -14.72
C VAL A 66 -7.48 -5.61 -14.41
N THR A 67 -7.23 -6.53 -15.33
CA THR A 67 -7.63 -7.91 -15.13
C THR A 67 -6.38 -8.71 -15.18
N TYR A 68 -6.15 -9.54 -14.20
CA TYR A 68 -5.00 -10.43 -14.29
C TYR A 68 -5.34 -11.63 -13.44
N LYS A 69 -5.39 -12.77 -14.11
CA LYS A 69 -5.69 -14.01 -13.43
C LYS A 69 -4.41 -14.57 -12.85
N TRP A 70 -4.52 -15.10 -11.64
CA TRP A 70 -3.38 -15.69 -10.97
C TRP A 70 -2.90 -16.81 -11.92
N PRO A 71 -1.60 -16.83 -12.25
CA PRO A 71 -1.19 -17.80 -13.29
C PRO A 71 -1.32 -19.24 -12.82
N HIS A 72 -1.70 -20.12 -13.74
CA HIS A 72 -1.94 -21.55 -13.41
C HIS A 72 -0.76 -22.24 -12.74
N TRP A 73 0.44 -21.89 -13.18
CA TRP A 73 1.71 -22.52 -12.75
C TRP A 73 2.25 -21.99 -11.44
N LEU A 74 1.61 -20.95 -10.90
CA LEU A 74 2.10 -20.25 -9.74
C LEU A 74 1.29 -20.72 -8.53
N ARG A 75 1.97 -21.17 -7.48
CA ARG A 75 1.32 -21.74 -6.32
C ARG A 75 0.27 -20.74 -5.85
N GLY A 76 -0.97 -21.20 -5.66
CA GLY A 76 -2.04 -20.32 -5.21
C GLY A 76 -2.03 -20.11 -3.71
N GLN A 77 -2.94 -19.24 -3.28
CA GLN A 77 -3.21 -18.99 -1.89
C GLN A 77 -4.69 -19.26 -1.62
N ARG A 78 -4.90 -20.33 -0.84
CA ARG A 78 -6.22 -20.84 -0.45
C ARG A 78 -6.97 -19.80 0.41
N GLU A 79 -6.22 -18.98 1.13
CA GLU A 79 -6.76 -18.02 2.07
C GLU A 79 -6.88 -16.68 1.32
N LYS A 80 -8.07 -16.09 1.34
CA LYS A 80 -8.33 -14.88 0.61
C LYS A 80 -7.39 -13.77 1.01
N GLN A 81 -7.16 -13.64 2.32
CA GLN A 81 -6.30 -12.58 2.80
C GLN A 81 -4.91 -12.68 2.16
N ARG A 82 -4.38 -13.89 2.06
CA ARG A 82 -3.05 -14.10 1.48
C ARG A 82 -3.03 -13.96 -0.05
N GLU A 83 -4.14 -14.31 -0.70
CA GLU A 83 -4.29 -14.07 -2.13
C GLU A 83 -4.19 -12.55 -2.45
N ILE A 84 -4.88 -11.75 -1.65
CA ILE A 84 -4.86 -10.29 -1.78
C ILE A 84 -3.44 -9.77 -1.59
N TRP A 85 -2.78 -10.24 -0.52
CA TRP A 85 -1.43 -9.79 -0.30
C TRP A 85 -0.53 -10.20 -1.50
N GLY A 86 -0.79 -11.37 -2.10
CA GLY A 86 -0.07 -11.75 -3.28
C GLY A 86 -0.28 -10.86 -4.50
N TYR A 87 -1.51 -10.40 -4.68
CA TYR A 87 -1.80 -9.45 -5.76
C TYR A 87 -1.12 -8.12 -5.55
N LYS A 88 -0.83 -7.74 -4.31
CA LYS A 88 -0.05 -6.53 -4.07
C LYS A 88 1.35 -6.61 -4.68
N ILE A 89 2.01 -7.77 -4.56
CA ILE A 89 3.46 -7.84 -4.77
C ILE A 89 3.93 -8.67 -5.96
N LEU A 90 3.15 -9.65 -6.39
CA LEU A 90 3.69 -10.68 -7.31
C LEU A 90 3.63 -10.29 -8.77
N PHE A 91 2.86 -9.27 -9.10
CA PHE A 91 2.44 -9.00 -10.49
C PHE A 91 2.72 -7.58 -10.96
N LEU A 92 3.73 -6.92 -10.38
CA LEU A 92 3.91 -5.50 -10.66
C LEU A 92 4.28 -5.22 -12.12
N ASP A 93 4.94 -6.17 -12.75
CA ASP A 93 5.32 -6.09 -14.18
C ASP A 93 4.23 -6.46 -15.17
N VAL A 94 3.10 -6.99 -14.67
CA VAL A 94 2.07 -7.51 -15.58
C VAL A 94 0.67 -6.97 -15.34
N LEU A 95 0.45 -6.23 -14.26
CA LEU A 95 -0.89 -5.68 -14.00
C LEU A 95 -1.22 -4.50 -14.90
N PHE A 96 -0.21 -3.68 -15.23
CA PHE A 96 -0.44 -2.38 -15.78
C PHE A 96 -0.01 -2.28 -17.23
N PRO A 97 -0.53 -1.29 -17.97
CA PRO A 97 -0.09 -1.12 -19.36
C PRO A 97 1.41 -0.82 -19.39
N LEU A 98 2.07 -1.22 -20.48
CA LEU A 98 3.49 -0.92 -20.67
C LEU A 98 3.81 0.55 -20.69
N SER A 99 2.84 1.39 -21.06
CA SER A 99 3.03 2.83 -21.05
C SER A 99 3.14 3.44 -19.66
N LEU A 100 2.62 2.76 -18.64
CA LEU A 100 2.60 3.39 -17.31
C LEU A 100 4.00 3.41 -16.69
N ASP A 101 4.52 4.59 -16.42
CA ASP A 101 5.92 4.72 -15.97
C ASP A 101 6.11 4.38 -14.50
N LYS A 102 5.08 4.62 -13.72
CA LYS A 102 5.19 4.58 -12.27
C LYS A 102 3.83 4.42 -11.64
N VAL A 103 3.79 3.65 -10.56
CA VAL A 103 2.55 3.50 -9.80
C VAL A 103 2.93 3.45 -8.32
N ILE A 104 2.00 3.94 -7.51
CA ILE A 104 2.14 3.91 -6.05
C ILE A 104 1.06 3.01 -5.50
N PHE A 105 1.47 2.01 -4.70
CA PHE A 105 0.50 1.20 -3.97
C PHE A 105 0.26 1.92 -2.63
N VAL A 106 -1.01 2.14 -2.29
CA VAL A 106 -1.43 2.69 -1.00
C VAL A 106 -2.48 1.74 -0.44
N ASP A 107 -2.27 1.30 0.80
CA ASP A 107 -3.24 0.45 1.46
C ASP A 107 -4.61 1.13 1.52
N ALA A 108 -5.67 0.31 1.49
CA ALA A 108 -7.03 0.86 1.61
C ALA A 108 -7.29 1.54 2.94
N ASP A 109 -6.65 1.05 4.00
CA ASP A 109 -6.83 1.59 5.37
C ASP A 109 -5.86 2.72 5.67
N GLN A 110 -5.71 3.65 4.73
CA GLN A 110 -4.82 4.78 4.87
C GLN A 110 -5.55 6.11 4.82
N ILE A 111 -4.90 7.10 5.43
CA ILE A 111 -5.27 8.50 5.29
C ILE A 111 -4.02 9.22 4.83
N VAL A 112 -4.12 9.84 3.68
CA VAL A 112 -3.03 10.65 3.12
C VAL A 112 -3.14 12.11 3.61
N ARG A 113 -1.99 12.69 3.92
CA ARG A 113 -1.86 14.07 4.39
C ARG A 113 -0.75 14.82 3.67
N THR A 114 -0.55 14.49 2.40
CA THR A 114 0.54 15.10 1.63
C THR A 114 0.18 15.06 0.17
N ASP A 115 0.87 15.85 -0.63
CA ASP A 115 0.72 15.81 -2.07
C ASP A 115 1.46 14.56 -2.57
N TYR A 117 2.18 13.67 -5.43
CA TYR A 117 3.17 13.95 -6.47
C TYR A 117 4.58 14.06 -5.87
N ASP A 118 4.69 14.41 -4.59
CA ASP A 118 6.03 14.39 -3.97
C ASP A 118 6.66 13.01 -4.09
N LEU A 119 5.84 11.97 -3.96
CA LEU A 119 6.38 10.61 -4.03
C LEU A 119 6.69 10.22 -5.45
N VAL A 120 5.88 10.67 -6.40
CA VAL A 120 6.16 10.45 -7.82
C VAL A 120 7.52 11.05 -8.23
N GLN A 121 7.86 12.20 -7.66
CA GLN A 121 9.08 12.97 -7.99
C GLN A 121 10.29 12.46 -7.24
N LEU A 122 10.07 11.64 -6.23
CA LEU A 122 11.16 11.21 -5.32
C LEU A 122 12.18 10.32 -6.07
N ASP A 123 13.46 10.65 -5.98
CA ASP A 123 14.51 9.91 -6.69
C ASP A 123 14.78 8.57 -6.00
N LEU A 124 14.50 7.47 -6.71
CA LEU A 124 14.75 6.13 -6.17
C LEU A 124 16.20 5.68 -6.32
N GLU A 125 17.03 6.51 -6.95
CA GLU A 125 18.49 6.29 -6.98
C GLU A 125 18.83 4.90 -7.50
N GLY A 126 18.16 4.53 -8.59
CA GLY A 126 18.38 3.29 -9.32
C GLY A 126 17.58 2.08 -8.84
N ALA A 127 16.90 2.20 -7.71
CA ALA A 127 16.09 1.10 -7.20
C ALA A 127 14.78 1.05 -7.94
N PRO A 128 14.23 -0.15 -8.14
CA PRO A 128 12.97 -0.22 -8.85
C PRO A 128 11.74 0.14 -8.00
N TYR A 129 11.88 0.11 -6.70
CA TYR A 129 10.76 0.51 -5.83
C TYR A 129 11.28 1.06 -4.51
N GLY A 130 10.41 1.82 -3.86
CA GLY A 130 10.70 2.49 -2.59
C GLY A 130 9.63 2.22 -1.57
N PHE A 131 10.09 1.90 -0.35
CA PHE A 131 9.23 1.56 0.79
C PHE A 131 9.76 2.30 2.02
N THR A 132 8.91 2.51 3.02
CA THR A 132 9.30 3.19 4.26
C THR A 132 9.80 2.15 5.25
N PRO A 133 10.95 2.39 5.92
CA PRO A 133 11.33 1.51 7.03
C PRO A 133 10.26 1.42 8.12
N CYS A 135 8.99 1.74 11.76
CA CYS A 135 9.37 2.57 12.92
C CYS A 135 10.01 1.77 14.03
N ASP A 136 11.07 2.37 14.61
CA ASP A 136 11.65 1.92 15.88
C ASP A 136 11.16 2.71 17.08
N SER A 137 10.46 3.80 16.85
CA SER A 137 10.24 4.78 17.93
C SER A 137 9.37 4.34 19.10
N ARG A 138 8.33 3.56 18.85
CA ARG A 138 7.45 3.11 19.94
C ARG A 138 8.14 1.95 20.68
N LYS A 139 8.77 2.26 21.81
CA LYS A 139 9.64 1.29 22.45
C LYS A 139 8.92 0.12 23.09
N GLU A 140 7.68 0.33 23.58
CA GLU A 140 6.84 -0.75 24.17
C GLU A 140 6.60 -1.93 23.23
N GLU A 142 8.86 -3.32 21.09
CA GLU A 142 10.09 -4.01 20.70
C GLU A 142 9.96 -5.52 20.59
N GLY A 143 9.23 -6.17 21.49
CA GLY A 143 9.09 -7.62 21.41
C GLY A 143 8.42 -8.13 20.16
N PHE A 144 7.64 -7.25 19.54
CA PHE A 144 6.94 -7.56 18.31
C PHE A 144 7.74 -7.22 17.04
N ARG A 145 8.91 -6.60 17.17
CA ARG A 145 9.76 -6.24 16.02
C ARG A 145 10.59 -7.47 15.61
N PHE A 146 9.91 -8.39 14.92
CA PHE A 146 10.47 -9.70 14.59
C PHE A 146 11.67 -9.56 13.65
N TRP A 147 11.73 -8.45 12.93
CA TRP A 147 12.79 -8.19 11.96
C TRP A 147 14.11 -7.81 12.60
N LYS A 148 14.09 -7.58 13.92
CA LYS A 148 15.32 -7.37 14.69
C LYS A 148 15.83 -8.67 15.34
N GLN A 149 15.14 -9.81 15.09
CA GLN A 149 15.44 -11.12 15.70
C GLN A 149 15.92 -12.17 14.69
N GLY A 150 16.57 -13.19 15.23
CA GLY A 150 16.78 -14.45 14.51
C GLY A 150 17.18 -14.33 13.05
N TYR A 151 16.34 -14.91 12.19
CA TYR A 151 16.59 -14.95 10.77
C TYR A 151 16.85 -13.55 10.15
N TRP A 152 16.00 -12.59 10.48
CA TRP A 152 16.01 -11.30 9.79
C TRP A 152 17.21 -10.41 10.05
N LYS A 153 17.69 -10.36 11.30
CA LYS A 153 18.85 -9.52 11.60
C LYS A 153 20.02 -9.98 10.74
N SER A 154 20.24 -11.30 10.69
CA SER A 154 21.34 -11.88 9.93
C SER A 154 21.11 -11.67 8.44
N HIS A 155 19.89 -11.95 7.98
CA HIS A 155 19.61 -11.87 6.54
C HIS A 155 19.74 -10.45 5.94
N LEU A 156 19.29 -9.45 6.69
CA LEU A 156 19.21 -8.10 6.16
C LEU A 156 20.56 -7.45 5.96
N ARG A 157 21.59 -7.88 6.71
CA ARG A 157 22.96 -7.37 6.53
C ARG A 157 23.01 -5.83 6.55
N GLY A 158 22.22 -5.23 7.45
CA GLY A 158 22.22 -3.80 7.63
C GLY A 158 21.17 -3.02 6.84
N ARG A 159 20.45 -3.71 5.95
CA ARG A 159 19.34 -3.08 5.23
C ARG A 159 18.16 -2.98 6.17
N PRO A 160 17.34 -1.93 6.01
CA PRO A 160 16.12 -1.86 6.83
C PRO A 160 15.12 -2.91 6.47
N TYR A 161 14.21 -3.16 7.42
CA TYR A 161 12.99 -3.94 7.13
C TYR A 161 11.87 -2.91 7.00
N HIS A 162 11.17 -2.98 5.86
CA HIS A 162 10.22 -1.94 5.43
C HIS A 162 8.77 -2.41 5.56
N ILE A 163 7.87 -1.49 5.89
CA ILE A 163 6.44 -1.75 5.92
C ILE A 163 5.88 -1.67 4.51
N SER A 164 4.98 -2.62 4.17
CA SER A 164 4.48 -2.75 2.81
C SER A 164 3.13 -2.04 2.61
N ALA A 165 2.73 -1.16 3.52
CA ALA A 165 1.48 -0.43 3.38
C ALA A 165 1.52 0.57 2.23
N LEU A 166 2.72 1.09 1.92
CA LEU A 166 2.92 2.13 0.93
C LEU A 166 4.18 1.84 0.17
N TYR A 167 4.12 1.87 -1.16
CA TYR A 167 5.36 1.74 -1.92
C TYR A 167 5.19 2.38 -3.28
N VAL A 168 6.28 2.96 -3.78
CA VAL A 168 6.29 3.55 -5.12
C VAL A 168 7.13 2.64 -6.02
N VAL A 169 6.61 2.38 -7.22
CA VAL A 169 7.25 1.42 -8.15
C VAL A 169 7.58 2.16 -9.43
N ASP A 170 8.87 2.21 -9.75
CA ASP A 170 9.32 2.67 -11.06
C ASP A 170 9.15 1.45 -11.98
N LEU A 171 8.04 1.39 -12.69
CA LEU A 171 7.65 0.24 -13.44
C LEU A 171 8.63 -0.02 -14.58
N ASN A 172 9.16 1.05 -15.16
CA ASN A 172 10.15 0.85 -16.22
C ASN A 172 11.43 0.16 -15.72
N ARG A 173 11.97 0.66 -14.61
CA ARG A 173 13.14 0.04 -14.03
C ARG A 173 12.83 -1.38 -13.57
N PHE A 174 11.66 -1.56 -12.96
CA PHE A 174 11.24 -2.86 -12.45
C PHE A 174 11.18 -3.86 -13.60
N ARG A 175 10.62 -3.44 -14.72
CA ARG A 175 10.55 -4.32 -15.92
C ARG A 175 11.95 -4.57 -16.47
N ALA A 176 12.79 -3.54 -16.56
CA ALA A 176 14.12 -3.67 -17.15
C ALA A 176 14.96 -4.66 -16.39
N LEU A 177 14.81 -4.64 -15.05
CA LEU A 177 15.53 -5.55 -14.15
C LEU A 177 14.96 -6.97 -14.07
N ALA A 178 13.84 -7.25 -14.75
CA ALA A 178 13.14 -8.54 -14.68
C ALA A 178 12.78 -8.87 -13.23
N ALA A 179 12.46 -7.85 -12.45
CA ALA A 179 12.21 -8.02 -11.01
C ALA A 179 10.97 -8.87 -10.74
N GLY A 180 9.99 -8.82 -11.62
CA GLY A 180 8.76 -9.61 -11.43
C GLY A 180 9.01 -11.10 -11.51
N ASP A 181 9.79 -11.54 -12.50
CA ASP A 181 10.17 -12.94 -12.60
C ASP A 181 11.00 -13.36 -11.38
N ARG A 182 11.86 -12.47 -10.92
CA ARG A 182 12.69 -12.80 -9.74
C ARG A 182 11.84 -12.94 -8.47
N LEU A 183 10.88 -12.05 -8.26
CA LEU A 183 10.01 -12.13 -7.11
C LEU A 183 9.13 -13.38 -7.17
N ARG A 184 8.56 -13.68 -8.34
CA ARG A 184 7.76 -14.89 -8.46
C ARG A 184 8.60 -16.18 -8.26
N GLY A 185 9.84 -16.18 -8.75
CA GLY A 185 10.73 -17.33 -8.52
C GLY A 185 11.04 -17.54 -7.06
N GLN A 186 11.29 -16.45 -6.33
CA GLN A 186 11.60 -16.57 -4.90
C GLN A 186 10.35 -16.97 -4.10
N TYR A 187 9.18 -16.47 -4.51
CA TYR A 187 7.92 -16.87 -3.89
C TYR A 187 7.75 -18.40 -3.97
N HIS A 188 8.00 -18.93 -5.15
CA HIS A 188 7.99 -20.39 -5.29
C HIS A 188 8.97 -21.11 -4.38
N THR A 189 10.20 -20.63 -4.37
CA THR A 189 11.25 -21.23 -3.56
C THR A 189 10.87 -21.24 -2.09
N LEU A 190 10.53 -20.07 -1.54
CA LEU A 190 10.09 -19.95 -0.16
C LEU A 190 8.64 -20.51 -0.12
N LEU A 197 7.27 -16.64 4.69
CA LEU A 197 6.40 -15.60 4.08
C LEU A 197 5.07 -15.39 4.80
N ALA A 198 5.16 -15.34 6.12
CA ALA A 198 4.01 -15.08 6.95
C ALA A 198 3.36 -13.76 6.54
N ASN A 199 4.18 -12.74 6.33
CA ASN A 199 3.72 -11.44 5.84
C ASN A 199 4.01 -11.39 4.32
N LEU A 200 3.15 -12.00 3.50
CA LEU A 200 3.55 -12.29 2.13
C LEU A 200 4.01 -11.08 1.30
N ASP A 201 3.24 -10.00 1.34
CA ASP A 201 3.56 -8.79 0.58
C ASP A 201 4.73 -7.96 1.11
N GLN A 202 5.16 -8.28 2.34
CA GLN A 202 6.17 -7.53 3.07
C GLN A 202 7.45 -8.32 3.19
N ASP A 203 7.34 -9.56 3.64
CA ASP A 203 8.53 -10.42 3.77
C ASP A 203 9.24 -10.62 2.40
N LEU A 204 8.47 -10.78 1.33
CA LEU A 204 9.07 -11.08 0.05
C LEU A 204 10.00 -9.92 -0.45
N PRO A 205 9.48 -8.67 -0.58
CA PRO A 205 10.41 -7.62 -1.00
C PRO A 205 11.56 -7.38 0.00
N ASN A 206 11.27 -7.47 1.29
CA ASN A 206 12.35 -7.27 2.27
C ASN A 206 13.42 -8.36 2.19
N ASN A 207 13.01 -9.59 1.85
CA ASN A 207 13.95 -10.73 1.68
C ASN A 207 14.85 -10.60 0.47
N GLN A 209 16.11 -7.83 -1.16
CA GLN A 209 16.72 -6.53 -1.39
C GLN A 209 18.09 -6.56 -2.10
N ALA A 210 18.91 -7.59 -1.87
CA ALA A 210 20.22 -7.63 -2.54
C ALA A 210 20.06 -7.81 -4.04
N ILE A 212 16.91 -7.19 -5.68
CA ILE A 212 15.93 -6.22 -6.15
C ILE A 212 15.92 -5.10 -5.10
N PRO A 213 16.72 -4.04 -5.30
CA PRO A 213 16.92 -3.06 -4.24
C PRO A 213 15.64 -2.30 -3.90
N ILE A 214 15.53 -1.95 -2.64
CA ILE A 214 14.54 -1.00 -2.13
C ILE A 214 15.22 0.32 -1.84
N LYS A 215 14.66 1.42 -2.34
CA LYS A 215 15.03 2.75 -1.87
C LYS A 215 14.26 2.95 -0.55
N SER A 216 14.97 3.18 0.56
CA SER A 216 14.28 3.43 1.82
C SER A 216 13.78 4.87 1.79
N LEU A 217 12.47 5.04 1.89
CA LEU A 217 11.86 6.37 1.88
C LEU A 217 12.15 7.02 3.23
N PRO A 218 12.17 8.36 3.26
CA PRO A 218 12.21 9.03 4.56
C PRO A 218 11.10 8.58 5.50
N GLN A 219 11.43 8.50 6.77
CA GLN A 219 10.57 7.89 7.76
C GLN A 219 9.14 8.47 7.81
N GLU A 220 9.02 9.76 7.53
CA GLU A 220 7.70 10.46 7.57
C GLU A 220 6.70 9.91 6.57
N TRP A 221 7.13 9.11 5.59
CA TRP A 221 6.22 8.67 4.55
C TRP A 221 5.10 7.76 5.04
N LEU A 222 5.30 7.03 6.13
CA LEU A 222 4.31 6.06 6.58
C LEU A 222 4.38 5.97 8.10
N TRP A 223 3.34 6.45 8.75
CA TRP A 223 3.18 6.32 10.20
C TRP A 223 2.04 5.36 10.50
N CYS A 224 2.31 4.39 11.38
CA CYS A 224 1.30 3.50 11.95
C CYS A 224 1.49 3.51 13.45
N GLU A 225 0.40 3.71 14.19
CA GLU A 225 0.46 3.80 15.66
C GLU A 225 1.08 2.55 16.29
N THR A 226 0.84 1.38 15.70
CA THR A 226 1.43 0.12 16.18
C THR A 226 2.92 0.26 16.47
N TRP A 227 3.64 0.87 15.54
CA TRP A 227 5.09 0.89 15.57
C TRP A 227 5.71 2.24 15.89
N CYS A 228 4.92 3.31 15.74
CA CYS A 228 5.46 4.66 15.69
C CYS A 228 4.89 5.50 16.81
N ALA A 229 5.75 6.36 17.35
CA ALA A 229 5.43 7.18 18.50
C ALA A 229 4.38 8.24 18.21
N ASP A 230 3.59 8.57 19.22
CA ASP A 230 2.57 9.60 19.08
C ASP A 230 3.14 10.91 18.60
N GLU A 231 4.31 11.30 19.12
CA GLU A 231 4.92 12.59 18.73
C GLU A 231 5.24 12.74 17.24
N ASP A 232 5.36 11.63 16.52
CA ASP A 232 5.65 11.68 15.08
C ASP A 232 4.44 11.69 14.16
N LEU A 233 3.25 11.62 14.76
CA LEU A 233 2.03 11.74 13.98
C LEU A 233 1.96 13.10 13.28
N LYS A 234 2.38 14.19 13.98
CA LYS A 234 2.27 15.56 13.43
C LYS A 234 3.03 15.77 12.14
N THR A 235 4.12 15.03 11.91
CA THR A 235 4.93 15.17 10.70
C THR A 235 4.65 14.05 9.69
N ALA A 236 3.78 13.11 10.02
CA ALA A 236 3.45 12.01 9.08
C ALA A 236 2.84 12.49 7.78
N ARG A 237 3.38 12.02 6.66
CA ARG A 237 2.80 12.31 5.35
C ARG A 237 1.61 11.42 5.03
N THR A 238 1.65 10.16 5.47
CA THR A 238 0.50 9.27 5.35
C THR A 238 0.39 8.45 6.61
N ILE A 239 -0.84 8.03 6.90
CA ILE A 239 -1.16 7.25 8.06
C ILE A 239 -1.73 5.93 7.60
N ASP A 240 -1.27 4.83 8.21
CA ASP A 240 -1.83 3.51 7.96
C ASP A 240 -2.41 3.00 9.26
N LEU A 241 -3.58 2.33 9.18
CA LEU A 241 -4.25 1.84 10.39
C LEU A 241 -3.83 0.40 10.70
N CYS A 242 -2.55 0.11 10.51
CA CYS A 242 -2.02 -1.24 10.61
C CYS A 242 -2.40 -1.92 11.93
N ASN A 243 -2.81 -3.17 11.79
CA ASN A 243 -3.25 -3.99 12.90
C ASN A 243 -2.16 -4.06 13.96
N ASN A 244 -2.60 -4.06 15.22
CA ASN A 244 -1.73 -3.96 16.37
C ASN A 244 -1.78 -5.33 17.03
N PRO A 245 -0.68 -6.09 16.98
CA PRO A 245 -0.65 -7.45 17.51
C PRO A 245 -0.75 -7.53 19.04
N LEU A 246 -0.60 -6.41 19.74
CA LEU A 246 -0.77 -6.35 21.18
C LEU A 246 -2.22 -6.07 21.59
N THR A 247 -2.79 -4.99 21.08
CA THR A 247 -4.12 -4.55 21.51
C THR A 247 -5.25 -5.27 20.77
N LYS A 248 -5.02 -5.70 19.52
CA LYS A 248 -6.07 -6.25 18.64
C LYS A 248 -7.30 -5.32 18.49
N GLU A 249 -7.08 -4.01 18.62
CA GLU A 249 -8.20 -3.06 18.56
C GLU A 249 -8.81 -3.08 17.14
N PRO A 250 -10.15 -3.12 17.04
CA PRO A 250 -10.79 -3.13 15.72
C PRO A 250 -10.42 -1.92 14.85
N LYS A 251 -10.23 -2.16 13.57
CA LYS A 251 -9.82 -1.08 12.69
C LYS A 251 -10.78 0.10 12.62
N LEU A 252 -12.08 -0.17 12.65
CA LEU A 252 -13.05 0.89 12.61
C LEU A 252 -12.92 1.80 13.81
N ASP A 253 -12.73 1.21 14.99
CA ASP A 253 -12.48 1.99 16.20
C ASP A 253 -11.23 2.85 16.05
N ARG A 254 -10.17 2.28 15.49
CA ARG A 254 -8.94 3.05 15.29
C ARG A 254 -9.14 4.18 14.30
N ALA A 255 -9.88 3.91 13.22
CA ALA A 255 -10.14 4.93 12.21
C ALA A 255 -10.89 6.11 12.79
N ARG A 256 -11.87 5.86 13.65
CA ARG A 256 -12.67 6.93 14.27
C ARG A 256 -11.81 7.84 15.13
N ARG A 257 -10.84 7.28 15.82
CA ARG A 257 -10.07 8.06 16.80
C ARG A 257 -8.72 8.62 16.35
N GLN A 258 -8.10 8.01 15.35
CA GLN A 258 -6.69 8.33 15.08
C GLN A 258 -6.44 9.75 14.60
N VAL A 259 -7.16 10.11 13.56
CA VAL A 259 -7.07 11.45 13.00
C VAL A 259 -8.48 11.93 12.73
N PRO A 260 -8.73 13.24 12.87
CA PRO A 260 -10.09 13.72 12.74
C PRO A 260 -10.65 13.62 11.33
N GLU A 261 -9.79 13.64 10.32
CA GLU A 261 -10.29 13.68 8.93
C GLU A 261 -10.97 12.40 8.48
N TRP A 262 -10.74 11.27 9.16
CA TRP A 262 -11.34 10.01 8.70
C TRP A 262 -12.88 10.18 8.75
N THR A 263 -13.37 10.60 9.90
CA THR A 263 -14.81 10.88 10.06
C THR A 263 -15.30 12.04 9.19
N GLU A 264 -14.49 13.09 9.05
CA GLU A 264 -14.79 14.18 8.14
C GLU A 264 -15.07 13.65 6.73
N TYR A 265 -14.16 12.83 6.23
CA TYR A 265 -14.28 12.34 4.87
C TYR A 265 -15.41 11.32 4.76
N ASP A 266 -15.54 10.45 5.76
CA ASP A 266 -16.65 9.49 5.73
C ASP A 266 -18.00 10.24 5.67
N ASN A 267 -18.12 11.33 6.45
CA ASN A 267 -19.34 12.14 6.44
C ASN A 267 -19.56 12.81 5.08
N GLU A 268 -18.49 13.32 4.48
CA GLU A 268 -18.62 13.95 3.19
C GLU A 268 -19.10 12.96 2.12
N ILE A 269 -18.51 11.75 2.16
CA ILE A 269 -18.92 10.68 1.22
C ILE A 269 -20.42 10.31 1.43
N ALA A 270 -20.82 10.24 2.69
CA ALA A 270 -22.23 9.96 3.03
C ALA A 270 -23.15 11.01 2.44
N GLU A 271 -22.72 12.27 2.47
CA GLU A 271 -23.55 13.35 1.91
C GLU A 271 -23.60 13.26 0.40
N LEU A 272 -22.48 12.88 -0.22
CA LEU A 272 -22.51 12.61 -1.66
C LEU A 272 -23.54 11.53 -1.99
N ALA A 273 -23.55 10.46 -1.20
CA ALA A 273 -24.48 9.37 -1.42
C ALA A 273 -25.94 9.83 -1.29
N VAL A 274 -26.22 10.76 -0.37
CA VAL A 274 -27.59 11.33 -0.26
C VAL A 274 -27.99 11.94 -1.61
N ARG A 275 -27.08 12.68 -2.24
CA ARG A 275 -27.33 13.22 -3.59
C ARG A 275 -27.33 12.10 -4.65
#